data_5V3H
#
_entry.id   5V3H
#
_cell.length_a   157.560
_cell.length_b   54.775
_cell.length_c   79.702
_cell.angle_alpha   90.000
_cell.angle_beta   114.220
_cell.angle_gamma   90.000
#
_symmetry.space_group_name_H-M   'C 1 2 1'
#
loop_
_entity.id
_entity.type
_entity.pdbx_description
1 polymer 'N-lysine methyltransferase SMYD2'
2 non-polymer S-ADENOSYLMETHIONINE
3 non-polymer 'ZINC ION'
4 non-polymer N-[1-({1-[(4-chlorophenyl)methyl]-1H-pyrazol-4-yl}methyl)azetidin-3-yl]-1-cyclopropyl-1H-1,2,3-triazole-4-carboxamide
5 non-polymer DI(HYDROXYETHYL)ETHER
6 non-polymer 1,2-ETHANEDIOL
7 non-polymer GLYCEROL
8 water water
#
_entity_poly.entity_id   1
_entity_poly.type   'polypeptide(L)'
_entity_poly.pdbx_seq_one_letter_code
;SIADYKDDDDKMRAEGLGGLERFCSPGKGRGLRALQPFQVGDLLFSCPAYAYVLTVNERGNHCEYCFTRKEGLSKCGRCK
QAFYCNVECQKEDWPMHKLECSPMVVFGENWNPSETVRLTARILAKQKIHPERTPSEKLLAVKEFESHLDKLDNEKKDLI
QSDIAALHHFYSKHLGFPDNDSLVVLFAQVNCNGFTIEDEELSHLGSAIFPDVALMNHSCCPNVIVTYKGTLAEVRAVQE
IKPGEEVFTSYIDLLYPTEDRNDRLRDSYFFTCECQECTTKDKDKAKVEIRKLSDPPKAEAIRDMVRYARNVIEEFRRAK
HYKSPSELLEICELSQEKMSSVFEDSNVYMLHMMYQAMGVCLYMQDWEGALQYGQKIIKPYSKHYPLYSLNVASMWLKLG
RLYMGLEHKAAGEKALKKAIAIMEVAHGKDHPYISEIKQEIESH
;
_entity_poly.pdbx_strand_id   A
#
loop_
_chem_comp.id
_chem_comp.type
_chem_comp.name
_chem_comp.formula
8WG non-polymer N-[1-({1-[(4-chlorophenyl)methyl]-1H-pyrazol-4-yl}methyl)azetidin-3-yl]-1-cyclopropyl-1H-1,2,3-triazole-4-carboxamide 'C20 H22 Cl N7 O'
EDO non-polymer 1,2-ETHANEDIOL 'C2 H6 O2'
GOL non-polymer GLYCEROL 'C3 H8 O3'
PEG non-polymer DI(HYDROXYETHYL)ETHER 'C4 H10 O3'
SAM non-polymer S-ADENOSYLMETHIONINE 'C15 H22 N6 O5 S'
ZN non-polymer 'ZINC ION' 'Zn 2'
#
# COMPACT_ATOMS: atom_id res chain seq x y z
N LYS A 6 0.07 -29.85 15.42
CA LYS A 6 0.32 -29.57 13.96
C LYS A 6 0.93 -28.21 13.65
N ASP A 7 0.79 -27.22 14.54
CA ASP A 7 1.06 -25.80 14.20
C ASP A 7 2.51 -25.54 13.70
N ASP A 8 3.49 -26.22 14.32
CA ASP A 8 4.92 -26.19 13.92
C ASP A 8 5.17 -26.42 12.42
N ASP A 9 4.65 -27.54 11.92
CA ASP A 9 4.86 -28.00 10.53
C ASP A 9 4.34 -27.01 9.48
N ASP A 10 3.22 -26.36 9.77
CA ASP A 10 2.59 -25.43 8.80
C ASP A 10 3.36 -24.11 8.65
N LYS A 11 4.09 -23.71 9.69
CA LYS A 11 4.94 -22.50 9.64
C LYS A 11 6.15 -22.76 8.72
N MET A 12 6.79 -23.93 8.91
CA MET A 12 7.87 -24.43 8.05
C MET A 12 7.47 -24.53 6.56
N ARG A 13 6.34 -25.20 6.29
CA ARG A 13 5.76 -25.27 4.92
C ARG A 13 5.59 -23.87 4.29
N ALA A 14 4.97 -22.94 5.02
CA ALA A 14 4.80 -21.53 4.58
C ALA A 14 6.12 -20.83 4.25
N GLU A 15 7.07 -20.92 5.18
CA GLU A 15 8.41 -20.34 5.01
C GLU A 15 9.14 -20.87 3.77
N GLY A 16 8.88 -22.13 3.39
CA GLY A 16 9.52 -22.75 2.22
C GLY A 16 8.72 -22.76 0.92
N LEU A 17 7.56 -22.11 0.94
CA LEU A 17 6.63 -22.03 -0.21
C LEU A 17 6.13 -23.40 -0.71
N GLY A 18 5.87 -24.31 0.24
CA GLY A 18 5.39 -25.68 -0.05
C GLY A 18 3.91 -25.73 -0.39
N GLY A 19 3.57 -26.60 -1.34
CA GLY A 19 2.22 -26.63 -1.92
C GLY A 19 1.91 -25.54 -2.94
N LEU A 20 2.93 -24.95 -3.55
CA LEU A 20 2.76 -23.91 -4.58
C LEU A 20 3.86 -24.10 -5.61
N GLU A 21 3.67 -23.52 -6.80
CA GLU A 21 4.71 -23.56 -7.84
C GLU A 21 4.59 -22.41 -8.84
N ARG A 22 5.64 -22.23 -9.61
CA ARG A 22 5.71 -21.22 -10.66
C ARG A 22 5.31 -21.88 -11.96
N PHE A 23 4.59 -21.16 -12.80
CA PHE A 23 4.21 -21.66 -14.15
C PHE A 23 4.06 -20.49 -15.11
N CYS A 24 3.75 -20.78 -16.37
CA CYS A 24 3.46 -19.74 -17.37
C CYS A 24 1.96 -19.54 -17.47
N SER A 25 1.48 -18.34 -17.13
CA SER A 25 0.06 -17.99 -17.19
C SER A 25 -0.24 -17.42 -18.58
N PRO A 26 -1.02 -18.16 -19.41
CA PRO A 26 -1.28 -17.70 -20.78
C PRO A 26 -1.81 -16.27 -20.85
N GLY A 27 -1.03 -15.41 -21.50
CA GLY A 27 -1.36 -13.99 -21.64
C GLY A 27 -0.92 -13.10 -20.49
N LYS A 28 -0.20 -13.63 -19.50
CA LYS A 28 0.23 -12.85 -18.33
C LYS A 28 1.68 -13.14 -17.89
N GLY A 29 2.55 -13.44 -18.86
CA GLY A 29 3.91 -13.86 -18.56
C GLY A 29 3.93 -15.03 -17.60
N ARG A 30 4.73 -14.92 -16.54
CA ARG A 30 4.87 -15.97 -15.52
C ARG A 30 3.95 -15.66 -14.34
N GLY A 31 3.63 -16.70 -13.56
CA GLY A 31 2.67 -16.59 -12.47
C GLY A 31 2.77 -17.72 -11.47
N LEU A 32 1.82 -17.76 -10.54
CA LEU A 32 1.86 -18.68 -9.38
C LEU A 32 0.51 -19.39 -9.19
N ARG A 33 0.55 -20.72 -9.05
CA ARG A 33 -0.65 -21.54 -8.79
C ARG A 33 -0.45 -22.56 -7.65
N ALA A 34 -1.57 -22.99 -7.07
CA ALA A 34 -1.58 -23.89 -5.92
C ALA A 34 -1.54 -25.35 -6.33
N LEU A 35 -0.94 -26.16 -5.47
CA LEU A 35 -0.89 -27.61 -5.61
C LEU A 35 -1.56 -28.30 -4.41
N GLN A 36 -2.35 -27.55 -3.65
CA GLN A 36 -3.15 -28.12 -2.57
C GLN A 36 -4.29 -27.15 -2.23
N PRO A 37 -5.31 -27.61 -1.50
CA PRO A 37 -6.40 -26.70 -1.09
C PRO A 37 -5.97 -25.67 -0.04
N PHE A 38 -6.61 -24.50 -0.06
CA PHE A 38 -6.44 -23.48 1.00
C PHE A 38 -7.80 -22.94 1.38
N GLN A 39 -8.14 -23.02 2.67
CA GLN A 39 -9.39 -22.42 3.18
C GLN A 39 -9.24 -20.95 3.52
N VAL A 40 -10.37 -20.25 3.60
CA VAL A 40 -10.39 -18.81 3.92
C VAL A 40 -9.66 -18.56 5.23
N GLY A 41 -8.66 -17.67 5.20
CA GLY A 41 -7.84 -17.34 6.38
C GLY A 41 -6.54 -18.12 6.56
N ASP A 42 -6.23 -19.03 5.63
CA ASP A 42 -5.00 -19.83 5.70
C ASP A 42 -3.77 -19.04 5.25
N LEU A 43 -2.65 -19.22 5.94
CA LEU A 43 -1.37 -18.69 5.48
C LEU A 43 -0.83 -19.54 4.33
N LEU A 44 -0.55 -18.92 3.19
CA LEU A 44 0.06 -19.60 2.05
C LEU A 44 1.57 -19.55 2.18
N PHE A 45 2.15 -18.35 2.20
CA PHE A 45 3.62 -18.18 2.27
C PHE A 45 4.09 -16.84 2.83
N SER A 46 5.34 -16.83 3.29
CA SER A 46 5.97 -15.60 3.80
C SER A 46 7.19 -15.30 2.97
N CYS A 47 7.62 -14.05 3.01
CA CYS A 47 8.75 -13.57 2.22
C CYS A 47 9.43 -12.41 2.97
N PRO A 48 10.66 -12.65 3.50
CA PRO A 48 11.38 -11.55 4.15
C PRO A 48 11.88 -10.55 3.10
N ALA A 49 11.92 -9.27 3.47
CA ALA A 49 12.36 -8.19 2.58
C ALA A 49 13.82 -8.31 2.08
N TYR A 50 14.00 -8.31 0.76
CA TYR A 50 15.33 -8.28 0.14
C TYR A 50 16.00 -6.91 0.32
N ALA A 51 15.19 -5.85 0.29
CA ALA A 51 15.69 -4.49 0.52
C ALA A 51 14.55 -3.64 1.02
N TYR A 52 14.85 -2.68 1.90
CA TYR A 52 13.80 -1.80 2.45
C TYR A 52 14.36 -0.48 2.98
N VAL A 53 13.46 0.45 3.27
CA VAL A 53 13.86 1.76 3.79
C VAL A 53 12.69 2.43 4.54
N LEU A 54 12.97 2.93 5.75
CA LEU A 54 11.97 3.70 6.48
C LEU A 54 11.88 5.11 5.89
N THR A 55 10.66 5.59 5.69
CA THR A 55 10.43 6.90 5.08
C THR A 55 10.95 8.02 6.03
N VAL A 56 11.50 9.09 5.47
CA VAL A 56 12.19 10.12 6.28
C VAL A 56 11.31 10.65 7.42
N ASN A 57 10.05 10.94 7.12
CA ASN A 57 9.13 11.55 8.10
C ASN A 57 8.73 10.65 9.31
N GLU A 58 9.15 9.39 9.33
CA GLU A 58 8.91 8.50 10.48
C GLU A 58 10.17 8.14 11.32
N ARG A 59 11.30 8.81 11.10
CA ARG A 59 12.52 8.58 11.90
C ARG A 59 12.28 9.03 13.33
N GLY A 60 12.68 8.19 14.29
CA GLY A 60 12.42 8.43 15.72
C GLY A 60 11.21 7.71 16.29
N ASN A 61 10.23 7.37 15.44
CA ASN A 61 9.02 6.61 15.83
C ASN A 61 9.16 5.10 15.60
N HIS A 62 9.81 4.71 14.50
CA HIS A 62 10.10 3.31 14.19
C HIS A 62 11.61 3.05 14.14
N CYS A 63 12.00 1.87 14.64
CA CYS A 63 13.35 1.35 14.47
C CYS A 63 13.63 1.08 12.99
N GLU A 64 14.81 1.45 12.51
CA GLU A 64 15.15 1.36 11.08
C GLU A 64 15.33 -0.08 10.62
N TYR A 65 15.83 -0.96 11.49
CA TYR A 65 16.14 -2.32 11.09
C TYR A 65 14.92 -3.24 11.09
N CYS A 66 14.13 -3.22 12.16
CA CYS A 66 13.02 -4.18 12.37
C CYS A 66 11.60 -3.59 12.27
N PHE A 67 11.50 -2.27 12.08
CA PHE A 67 10.23 -1.52 11.94
C PHE A 67 9.30 -1.52 13.18
N THR A 68 9.80 -1.93 14.35
CA THR A 68 9.01 -1.89 15.59
C THR A 68 8.67 -0.44 15.95
N ARG A 69 7.41 -0.21 16.31
CA ARG A 69 6.93 1.10 16.74
C ARG A 69 6.97 1.16 18.27
N LYS A 70 7.60 2.20 18.81
CA LYS A 70 8.08 2.20 20.23
C LYS A 70 8.50 3.61 20.67
N GLU A 71 8.59 3.84 21.97
CA GLU A 71 9.22 5.06 22.52
C GLU A 71 10.54 4.70 23.19
N GLY A 72 11.46 5.67 23.28
CA GLY A 72 12.79 5.44 23.84
C GLY A 72 13.72 4.60 22.98
N LEU A 73 13.86 4.96 21.71
CA LEU A 73 14.86 4.35 20.83
C LEU A 73 16.17 5.13 20.99
N SER A 74 17.29 4.50 20.65
CA SER A 74 18.61 5.16 20.77
C SER A 74 19.07 5.70 19.42
N LYS A 75 19.72 6.85 19.46
CA LYS A 75 20.08 7.65 18.30
C LYS A 75 21.46 7.22 17.82
N CYS A 76 21.72 7.25 16.51
CA CYS A 76 23.06 7.00 15.96
C CYS A 76 24.04 8.10 16.38
N GLY A 77 25.09 7.74 17.12
CA GLY A 77 26.07 8.69 17.62
C GLY A 77 26.70 9.63 16.59
N ARG A 78 26.94 9.13 15.38
CA ARG A 78 27.68 9.88 14.36
C ARG A 78 26.80 10.89 13.59
N CYS A 79 25.68 10.42 13.06
CA CYS A 79 24.80 11.26 12.21
C CYS A 79 23.54 11.82 12.91
N LYS A 80 23.13 11.19 14.01
CA LYS A 80 21.92 11.58 14.78
C LYS A 80 20.60 11.53 14.00
N GLN A 81 20.53 10.69 12.97
CA GLN A 81 19.37 10.68 12.06
C GLN A 81 19.00 9.24 11.66
N ALA A 82 19.01 8.36 12.65
CA ALA A 82 18.64 6.96 12.49
C ALA A 82 18.52 6.35 13.88
N PHE A 83 17.39 5.71 14.17
CA PHE A 83 17.05 5.24 15.53
C PHE A 83 16.80 3.73 15.55
N TYR A 84 17.05 3.11 16.70
CA TYR A 84 17.06 1.65 16.89
C TYR A 84 16.54 1.20 18.26
N CYS A 85 15.98 -0.03 18.30
CA CYS A 85 15.49 -0.62 19.56
C CYS A 85 16.62 -0.69 20.60
N ASN A 86 17.73 -1.28 20.19
CA ASN A 86 18.93 -1.45 21.01
C ASN A 86 20.18 -1.60 20.12
N VAL A 87 21.29 -2.12 20.64
CA VAL A 87 22.58 -2.20 19.91
C VAL A 87 22.65 -3.34 18.91
N GLU A 88 21.91 -4.42 19.16
CA GLU A 88 21.80 -5.54 18.20
C GLU A 88 21.21 -5.04 16.86
N CYS A 89 20.02 -4.45 16.91
CA CYS A 89 19.37 -3.84 15.75
C CYS A 89 20.30 -2.81 15.06
N GLN A 90 21.12 -2.11 15.85
CA GLN A 90 22.06 -1.15 15.28
C GLN A 90 23.12 -1.83 14.39
N LYS A 91 23.74 -2.90 14.90
CA LYS A 91 24.77 -3.65 14.16
C LYS A 91 24.24 -4.26 12.86
N GLU A 92 23.04 -4.84 12.93
CA GLU A 92 22.46 -5.54 11.78
C GLU A 92 22.11 -4.58 10.65
N ASP A 93 21.72 -3.35 10.96
CA ASP A 93 21.41 -2.33 9.95
C ASP A 93 22.66 -1.66 9.32
N TRP A 94 23.84 -1.95 9.86
CA TRP A 94 25.04 -1.20 9.48
C TRP A 94 25.48 -1.34 8.03
N PRO A 95 25.50 -2.58 7.47
CA PRO A 95 25.85 -2.70 6.06
C PRO A 95 25.04 -1.79 5.11
N MET A 96 23.77 -1.55 5.44
CA MET A 96 22.89 -0.65 4.65
C MET A 96 22.95 0.84 5.04
N HIS A 97 22.89 1.13 6.35
CA HIS A 97 22.81 2.53 6.84
C HIS A 97 24.09 3.32 6.45
N LYS A 98 25.20 2.60 6.45
CA LYS A 98 26.50 3.03 5.91
C LYS A 98 26.46 3.87 4.61
N LEU A 99 25.49 3.59 3.75
CA LEU A 99 25.26 4.33 2.49
C LEU A 99 24.87 5.80 2.69
N GLU A 100 24.29 6.13 3.85
CA GLU A 100 23.78 7.48 4.12
C GLU A 100 24.41 8.20 5.34
N CYS A 101 24.92 7.45 6.32
CA CYS A 101 25.44 8.02 7.59
C CYS A 101 26.44 9.17 7.39
N SER A 102 27.59 8.87 6.78
CA SER A 102 28.61 9.89 6.50
C SER A 102 28.11 10.98 5.54
N PRO A 103 27.41 10.59 4.46
CA PRO A 103 26.83 11.61 3.56
C PRO A 103 25.85 12.58 4.20
N MET A 104 24.98 12.10 5.08
CA MET A 104 24.06 12.97 5.80
C MET A 104 24.81 14.03 6.62
N VAL A 105 25.94 13.63 7.20
CA VAL A 105 26.83 14.55 7.92
C VAL A 105 27.54 15.54 6.98
N VAL A 106 27.98 15.07 5.81
CA VAL A 106 28.70 15.93 4.84
C VAL A 106 27.76 16.97 4.17
N PHE A 107 26.62 16.51 3.67
CA PHE A 107 25.65 17.37 2.95
C PHE A 107 24.73 18.18 3.86
N GLY A 108 24.70 17.86 5.15
CA GLY A 108 23.87 18.59 6.11
C GLY A 108 22.42 18.52 5.71
N GLU A 109 21.90 19.61 5.14
CA GLU A 109 20.51 19.66 4.70
C GLU A 109 20.33 19.79 3.18
N ASN A 110 21.41 19.74 2.41
CA ASN A 110 21.31 19.46 0.97
C ASN A 110 21.01 17.98 0.65
N TRP A 111 21.08 17.10 1.66
CA TRP A 111 20.76 15.68 1.46
C TRP A 111 19.24 15.46 1.31
N ASN A 112 18.79 15.31 0.06
CA ASN A 112 17.36 15.01 -0.25
C ASN A 112 17.20 14.10 -1.48
N PRO A 113 17.74 12.87 -1.40
CA PRO A 113 17.44 11.89 -2.45
C PRO A 113 16.00 11.35 -2.31
N SER A 114 15.32 11.13 -3.43
CA SER A 114 13.97 10.55 -3.42
C SER A 114 13.98 9.10 -2.88
N GLU A 115 12.84 8.66 -2.37
CA GLU A 115 12.71 7.33 -1.77
C GLU A 115 13.00 6.19 -2.75
N THR A 116 12.71 6.44 -4.02
CA THR A 116 13.04 5.51 -5.11
C THR A 116 14.55 5.31 -5.26
N VAL A 117 15.28 6.43 -5.25
CA VAL A 117 16.75 6.40 -5.26
C VAL A 117 17.29 5.67 -4.02
N ARG A 118 16.75 6.02 -2.84
CA ARG A 118 17.17 5.40 -1.58
C ARG A 118 17.08 3.87 -1.64
N LEU A 119 15.92 3.35 -2.02
CA LEU A 119 15.68 1.90 -2.09
C LEU A 119 16.54 1.19 -3.15
N THR A 120 16.77 1.85 -4.29
CA THR A 120 17.62 1.31 -5.35
C THR A 120 19.09 1.21 -4.93
N ALA A 121 19.58 2.19 -4.16
CA ALA A 121 20.95 2.12 -3.61
C ALA A 121 21.14 0.87 -2.73
N ARG A 122 20.13 0.55 -1.93
CA ARG A 122 20.18 -0.65 -1.08
C ARG A 122 20.13 -1.96 -1.87
N ILE A 123 19.37 -2.00 -2.97
CA ILE A 123 19.40 -3.13 -3.93
C ILE A 123 20.81 -3.36 -4.47
N LEU A 124 21.44 -2.30 -4.97
CA LEU A 124 22.79 -2.38 -5.51
C LEU A 124 23.79 -2.92 -4.47
N ALA A 125 23.66 -2.49 -3.22
CA ALA A 125 24.57 -2.86 -2.12
C ALA A 125 24.38 -4.30 -1.65
N LYS A 126 23.15 -4.78 -1.68
CA LYS A 126 22.86 -6.20 -1.42
C LYS A 126 23.43 -7.12 -2.52
N GLN A 127 23.59 -6.61 -3.74
CA GLN A 127 24.21 -7.39 -4.82
C GLN A 127 25.74 -7.55 -4.75
N LYS A 128 26.46 -6.58 -4.18
CA LYS A 128 27.93 -6.72 -4.01
C LYS A 128 28.20 -7.72 -2.88
N ILE A 129 27.51 -7.51 -1.76
CA ILE A 129 27.59 -8.35 -0.56
C ILE A 129 27.13 -9.79 -0.81
N HIS A 130 26.01 -9.95 -1.51
CA HIS A 130 25.32 -11.22 -1.61
C HIS A 130 24.92 -11.52 -3.07
N PRO A 131 25.91 -11.80 -3.94
CA PRO A 131 25.63 -12.08 -5.35
C PRO A 131 24.64 -13.22 -5.64
N GLU A 132 24.57 -14.22 -4.78
CA GLU A 132 23.72 -15.41 -5.03
C GLU A 132 22.28 -15.30 -4.48
N ARG A 133 21.49 -16.31 -4.83
CA ARG A 133 20.06 -16.41 -4.51
C ARG A 133 19.78 -16.39 -3.00
N THR A 134 18.97 -15.41 -2.55
CA THR A 134 18.61 -15.22 -1.13
C THR A 134 17.34 -16.00 -0.74
N PRO A 135 17.01 -16.06 0.58
CA PRO A 135 15.72 -16.62 1.02
C PRO A 135 14.48 -15.87 0.52
N SER A 136 14.62 -14.61 0.13
CA SER A 136 13.52 -13.86 -0.50
C SER A 136 13.22 -14.28 -1.95
N GLU A 137 14.02 -15.18 -2.52
CA GLU A 137 14.00 -15.45 -3.95
C GLU A 137 13.88 -16.95 -4.25
N LYS A 138 13.02 -17.66 -3.52
CA LYS A 138 12.87 -19.11 -3.70
C LYS A 138 12.18 -19.52 -4.99
N LEU A 139 11.44 -18.60 -5.64
CA LEU A 139 10.80 -18.85 -6.95
C LEU A 139 11.00 -17.77 -8.02
N LEU A 140 11.34 -16.54 -7.63
CA LEU A 140 11.65 -15.49 -8.60
C LEU A 140 12.79 -14.65 -8.06
N ALA A 141 13.65 -14.17 -8.96
CA ALA A 141 14.86 -13.45 -8.59
C ALA A 141 14.82 -12.02 -9.13
N VAL A 142 15.42 -11.09 -8.39
CA VAL A 142 15.45 -9.66 -8.77
C VAL A 142 16.00 -9.49 -10.18
N LYS A 143 17.11 -10.20 -10.46
CA LYS A 143 17.71 -10.33 -11.80
C LYS A 143 16.70 -10.60 -12.91
N GLU A 144 15.71 -11.46 -12.63
CA GLU A 144 14.65 -11.85 -13.55
C GLU A 144 13.44 -10.88 -13.65
N PHE A 145 13.39 -9.81 -12.85
CA PHE A 145 12.23 -8.88 -12.83
C PHE A 145 11.92 -8.28 -14.21
N GLU A 146 10.64 -8.13 -14.52
CA GLU A 146 10.21 -7.50 -15.76
C GLU A 146 10.27 -5.97 -15.70
N SER A 147 10.62 -5.34 -16.82
CA SER A 147 10.88 -3.89 -16.88
C SER A 147 9.84 -3.05 -17.62
N HIS A 148 9.25 -3.61 -18.68
CA HIS A 148 8.47 -2.86 -19.68
C HIS A 148 9.27 -1.67 -20.32
N LEU A 149 10.55 -1.90 -20.56
CA LEU A 149 11.49 -0.89 -21.10
C LEU A 149 11.09 -0.41 -22.48
N ASP A 150 10.69 -1.33 -23.34
CA ASP A 150 10.26 -0.99 -24.71
C ASP A 150 8.91 -0.24 -24.82
N LYS A 151 8.17 -0.16 -23.72
CA LYS A 151 6.87 0.51 -23.69
C LYS A 151 6.97 1.95 -23.19
N LEU A 152 8.14 2.34 -22.68
CA LEU A 152 8.32 3.65 -22.07
C LEU A 152 8.51 4.70 -23.15
N ASP A 153 8.37 5.96 -22.75
CA ASP A 153 8.47 7.12 -23.63
C ASP A 153 9.46 8.16 -23.10
N ASN A 154 9.71 9.19 -23.90
CA ASN A 154 10.56 10.33 -23.49
C ASN A 154 9.79 11.36 -22.62
N GLU A 155 8.99 10.84 -21.67
CA GLU A 155 8.63 11.53 -20.43
C GLU A 155 9.21 10.68 -19.30
N LYS A 156 8.74 9.43 -19.27
CA LYS A 156 9.17 8.41 -18.34
C LYS A 156 10.69 8.25 -18.32
N LYS A 157 11.28 8.02 -19.48
CA LYS A 157 12.73 7.79 -19.57
C LYS A 157 13.55 9.00 -19.08
N ASP A 158 13.01 10.21 -19.28
CA ASP A 158 13.59 11.43 -18.70
C ASP A 158 13.50 11.45 -17.16
N LEU A 159 12.36 11.04 -16.62
CA LEU A 159 12.17 10.94 -15.16
C LEU A 159 13.18 10.01 -14.50
N ILE A 160 13.48 8.88 -15.14
CA ILE A 160 14.46 7.93 -14.59
C ILE A 160 15.87 8.57 -14.56
N GLN A 161 16.26 9.20 -15.67
CA GLN A 161 17.54 9.92 -15.76
C GLN A 161 17.78 10.97 -14.66
N SER A 162 16.70 11.55 -14.10
CA SER A 162 16.82 12.35 -12.87
C SER A 162 17.32 11.50 -11.70
N ASP A 163 16.62 10.38 -11.48
CA ASP A 163 17.00 9.47 -10.39
C ASP A 163 18.42 8.92 -10.59
N ILE A 164 18.81 8.62 -11.83
CA ILE A 164 20.17 8.15 -12.10
C ILE A 164 21.18 9.23 -11.68
N ALA A 165 20.88 10.50 -11.95
CA ALA A 165 21.76 11.60 -11.55
C ALA A 165 21.83 11.78 -10.03
N ALA A 166 20.68 11.70 -9.36
CA ALA A 166 20.66 11.84 -7.91
C ALA A 166 21.45 10.71 -7.25
N LEU A 167 21.32 9.49 -7.80
CA LEU A 167 22.07 8.33 -7.31
C LEU A 167 23.58 8.56 -7.35
N HIS A 168 24.07 9.02 -8.50
CA HIS A 168 25.50 9.37 -8.65
C HIS A 168 25.93 10.50 -7.70
N HIS A 169 25.09 11.53 -7.55
CA HIS A 169 25.41 12.71 -6.72
C HIS A 169 25.47 12.43 -5.21
N PHE A 170 24.55 11.62 -4.68
CA PHE A 170 24.48 11.36 -3.24
C PHE A 170 25.19 10.08 -2.74
N TYR A 171 25.44 9.10 -3.63
CA TYR A 171 25.87 7.74 -3.20
C TYR A 171 27.23 7.22 -3.70
N SER A 172 27.97 8.00 -4.47
CA SER A 172 29.22 7.51 -5.10
C SER A 172 30.30 6.91 -4.16
N LYS A 173 30.16 7.10 -2.85
CA LYS A 173 31.25 6.83 -1.90
C LYS A 173 31.43 5.36 -1.50
N HIS A 174 30.32 4.66 -1.28
CA HIS A 174 30.36 3.21 -0.93
C HIS A 174 29.72 2.29 -1.97
N LEU A 175 29.23 2.83 -3.10
CA LEU A 175 28.81 2.03 -4.26
C LEU A 175 29.68 2.31 -5.48
N GLY A 176 29.92 1.25 -6.26
CA GLY A 176 30.38 1.36 -7.66
C GLY A 176 29.21 1.00 -8.56
N PHE A 177 29.00 1.78 -9.62
CA PHE A 177 27.77 1.69 -10.44
C PHE A 177 27.96 0.89 -11.74
N PRO A 178 26.90 0.17 -12.18
CA PRO A 178 26.92 -0.36 -13.56
C PRO A 178 26.66 0.75 -14.62
N ASP A 179 26.74 0.37 -15.90
CA ASP A 179 26.57 1.31 -17.01
C ASP A 179 25.14 1.85 -17.08
N ASN A 180 24.98 2.99 -17.74
CA ASN A 180 23.70 3.71 -17.78
C ASN A 180 22.54 2.83 -18.25
N ASP A 181 22.81 1.99 -19.26
CA ASP A 181 21.82 1.05 -19.80
C ASP A 181 21.25 0.13 -18.75
N SER A 182 22.12 -0.42 -17.89
CA SER A 182 21.70 -1.27 -16.77
C SER A 182 20.87 -0.51 -15.73
N LEU A 183 21.25 0.73 -15.42
CA LEU A 183 20.51 1.52 -14.42
C LEU A 183 19.10 1.87 -14.86
N VAL A 184 18.91 2.20 -16.13
CA VAL A 184 17.57 2.48 -16.67
C VAL A 184 16.65 1.25 -16.54
N VAL A 185 17.13 0.09 -16.98
CA VAL A 185 16.40 -1.19 -16.81
C VAL A 185 15.99 -1.39 -15.36
N LEU A 186 16.96 -1.26 -14.43
CA LEU A 186 16.73 -1.52 -13.00
C LEU A 186 15.67 -0.61 -12.36
N PHE A 187 15.77 0.69 -12.63
CA PHE A 187 14.77 1.65 -12.13
C PHE A 187 13.37 1.35 -12.68
N ALA A 188 13.31 0.80 -13.89
CA ALA A 188 12.03 0.33 -14.46
C ALA A 188 11.53 -0.93 -13.79
N GLN A 189 12.43 -1.86 -13.48
CA GLN A 189 12.05 -3.05 -12.73
C GLN A 189 11.43 -2.69 -11.37
N VAL A 190 12.05 -1.75 -10.65
CA VAL A 190 11.54 -1.31 -9.35
C VAL A 190 10.11 -0.81 -9.46
N ASN A 191 9.86 0.05 -10.45
CA ASN A 191 8.51 0.59 -10.67
C ASN A 191 7.44 -0.48 -10.90
N CYS A 192 7.79 -1.51 -11.68
CA CYS A 192 6.89 -2.63 -12.02
CA CYS A 192 6.83 -2.57 -11.98
C CYS A 192 6.69 -3.62 -10.86
N ASN A 193 7.72 -3.75 -9.99
CA ASN A 193 7.70 -4.77 -8.91
C ASN A 193 7.74 -4.27 -7.44
N GLY A 194 7.93 -2.98 -7.22
CA GLY A 194 8.10 -2.41 -5.88
C GLY A 194 6.84 -2.28 -5.03
N PHE A 195 7.02 -2.39 -3.71
CA PHE A 195 5.92 -2.30 -2.73
C PHE A 195 6.05 -1.10 -1.82
N THR A 196 4.90 -0.57 -1.38
CA THR A 196 4.83 0.41 -0.27
C THR A 196 4.34 -0.28 1.01
N ILE A 197 4.73 0.27 2.16
CA ILE A 197 4.27 -0.23 3.46
C ILE A 197 3.57 0.90 4.20
N GLU A 198 2.33 0.62 4.64
CA GLU A 198 1.51 1.55 5.42
C GLU A 198 1.18 0.94 6.77
N ASP A 199 0.81 1.80 7.73
CA ASP A 199 0.38 1.35 9.07
C ASP A 199 -1.12 1.07 9.10
N GLU A 200 -1.65 0.72 10.27
CA GLU A 200 -3.07 0.34 10.41
C GLU A 200 -4.10 1.45 10.08
N GLU A 201 -3.67 2.71 10.17
CA GLU A 201 -4.44 3.88 9.73
C GLU A 201 -4.17 4.33 8.28
N LEU A 202 -3.39 3.54 7.53
CA LEU A 202 -2.98 3.81 6.12
C LEU A 202 -1.97 4.97 5.89
N SER A 203 -1.25 5.42 6.93
CA SER A 203 -0.13 6.36 6.74
C SER A 203 1.08 5.63 6.15
N HIS A 204 1.78 6.28 5.22
CA HIS A 204 3.00 5.74 4.65
C HIS A 204 4.12 5.58 5.70
N LEU A 205 4.70 4.37 5.75
CA LEU A 205 5.88 4.07 6.59
C LEU A 205 7.18 3.90 5.80
N GLY A 206 7.12 3.24 4.63
CA GLY A 206 8.32 3.02 3.83
C GLY A 206 8.12 2.18 2.57
N SER A 207 9.22 1.80 1.94
CA SER A 207 9.18 1.08 0.68
C SER A 207 10.07 -0.18 0.75
N ALA A 208 9.79 -1.18 -0.10
CA ALA A 208 10.52 -2.45 -0.07
C ALA A 208 10.33 -3.35 -1.31
N ILE A 209 11.23 -4.33 -1.42
CA ILE A 209 11.24 -5.34 -2.48
C ILE A 209 10.98 -6.72 -1.86
N PHE A 210 9.93 -7.40 -2.34
CA PHE A 210 9.57 -8.80 -1.97
C PHE A 210 9.48 -9.59 -3.29
N PRO A 211 10.58 -10.25 -3.71
CA PRO A 211 10.63 -10.92 -5.02
C PRO A 211 9.63 -12.05 -5.26
N ASP A 212 9.50 -12.96 -4.31
CA ASP A 212 8.52 -14.06 -4.40
C ASP A 212 7.08 -13.54 -4.44
N VAL A 213 6.78 -12.48 -3.68
CA VAL A 213 5.44 -11.87 -3.65
C VAL A 213 5.09 -11.26 -5.02
N ALA A 214 6.09 -10.71 -5.72
CA ALA A 214 5.88 -10.08 -7.02
C ALA A 214 5.67 -11.06 -8.17
N LEU A 215 5.83 -12.37 -7.95
CA LEU A 215 5.46 -13.35 -8.99
C LEU A 215 3.94 -13.32 -9.27
N MET A 216 3.11 -13.08 -8.25
CA MET A 216 1.65 -13.17 -8.38
C MET A 216 1.11 -12.09 -9.31
N ASN A 217 0.12 -12.47 -10.11
CA ASN A 217 -0.53 -11.56 -11.06
C ASN A 217 -1.73 -10.87 -10.41
N HIS A 218 -2.38 -9.98 -11.16
CA HIS A 218 -3.50 -9.15 -10.68
C HIS A 218 -4.94 -9.60 -11.04
N SER A 219 -5.86 -9.43 -10.10
CA SER A 219 -7.30 -9.48 -10.39
C SER A 219 -8.09 -8.50 -9.50
N CYS A 220 -9.16 -7.94 -10.05
CA CYS A 220 -10.05 -7.07 -9.27
C CYS A 220 -10.98 -7.84 -8.34
N CYS A 221 -11.05 -9.17 -8.47
CA CYS A 221 -11.64 -10.02 -7.41
C CYS A 221 -10.61 -11.06 -6.96
N PRO A 222 -9.62 -10.61 -6.16
CA PRO A 222 -8.53 -11.46 -5.74
C PRO A 222 -8.96 -12.59 -4.80
N ASN A 223 -8.09 -13.60 -4.64
CA ASN A 223 -8.29 -14.68 -3.65
C ASN A 223 -7.22 -14.74 -2.53
N VAL A 224 -6.22 -13.85 -2.54
CA VAL A 224 -5.32 -13.63 -1.37
C VAL A 224 -5.12 -12.13 -1.08
N ILE A 225 -4.53 -11.86 0.09
CA ILE A 225 -4.25 -10.49 0.54
CA ILE A 225 -4.25 -10.49 0.54
C ILE A 225 -2.86 -10.43 1.20
N VAL A 226 -2.12 -9.37 0.89
CA VAL A 226 -0.74 -9.16 1.39
C VAL A 226 -0.76 -8.28 2.66
N THR A 227 -0.29 -8.80 3.79
CA THR A 227 -0.13 -7.97 4.99
C THR A 227 1.33 -7.97 5.43
N TYR A 228 1.64 -7.11 6.40
CA TYR A 228 3.00 -6.96 6.92
C TYR A 228 3.12 -7.28 8.41
N LYS A 229 4.24 -7.87 8.80
CA LYS A 229 4.62 -8.08 10.20
C LYS A 229 6.08 -7.64 10.36
N GLY A 230 6.28 -6.38 10.77
CA GLY A 230 7.61 -5.75 10.79
C GLY A 230 7.98 -5.43 9.37
N THR A 231 9.12 -5.99 8.91
CA THR A 231 9.56 -5.92 7.50
C THR A 231 9.22 -7.19 6.70
N LEU A 232 8.58 -8.17 7.35
CA LEU A 232 8.14 -9.44 6.73
C LEU A 232 6.73 -9.33 6.09
N ALA A 233 6.59 -9.89 4.89
CA ALA A 233 5.31 -9.99 4.18
C ALA A 233 4.71 -11.39 4.35
N GLU A 234 3.40 -11.41 4.60
CA GLU A 234 2.61 -12.63 4.73
C GLU A 234 1.48 -12.60 3.70
N VAL A 235 1.01 -13.78 3.29
CA VAL A 235 -0.03 -13.90 2.27
C VAL A 235 -1.09 -14.91 2.73
N ARG A 236 -2.34 -14.45 2.88
CA ARG A 236 -3.45 -15.30 3.35
C ARG A 236 -4.65 -15.27 2.39
N ALA A 237 -5.37 -16.39 2.32
CA ALA A 237 -6.50 -16.52 1.39
C ALA A 237 -7.77 -15.77 1.88
N VAL A 238 -8.46 -15.15 0.92
CA VAL A 238 -9.79 -14.54 1.15
C VAL A 238 -10.90 -15.15 0.30
N GLN A 239 -10.55 -16.16 -0.50
CA GLN A 239 -11.51 -17.12 -1.05
C GLN A 239 -10.91 -18.49 -0.95
N GLU A 240 -11.75 -19.51 -0.98
CA GLU A 240 -11.32 -20.92 -1.11
C GLU A 240 -10.53 -21.10 -2.41
N ILE A 241 -9.39 -21.79 -2.32
CA ILE A 241 -8.51 -22.06 -3.46
C ILE A 241 -8.32 -23.56 -3.61
N LYS A 242 -8.47 -24.05 -4.83
CA LYS A 242 -8.33 -25.49 -5.13
C LYS A 242 -7.10 -25.76 -6.01
N PRO A 243 -6.58 -27.01 -6.01
CA PRO A 243 -5.37 -27.33 -6.78
C PRO A 243 -5.46 -26.98 -8.27
N GLY A 244 -4.35 -26.50 -8.84
CA GLY A 244 -4.29 -26.06 -10.24
C GLY A 244 -4.83 -24.65 -10.55
N GLU A 245 -5.25 -23.92 -9.52
CA GLU A 245 -5.91 -22.63 -9.66
C GLU A 245 -4.90 -21.49 -9.47
N GLU A 246 -4.96 -20.45 -10.30
CA GLU A 246 -3.99 -19.35 -10.17
C GLU A 246 -4.29 -18.47 -8.95
N VAL A 247 -3.21 -17.95 -8.34
CA VAL A 247 -3.25 -17.14 -7.12
C VAL A 247 -3.09 -15.65 -7.46
N PHE A 248 -4.14 -14.87 -7.20
CA PHE A 248 -4.24 -13.45 -7.61
C PHE A 248 -4.37 -12.50 -6.43
N THR A 249 -3.60 -11.41 -6.44
CA THR A 249 -3.82 -10.24 -5.58
C THR A 249 -4.52 -9.13 -6.38
N SER A 250 -4.91 -8.04 -5.72
CA SER A 250 -5.11 -6.74 -6.41
C SER A 250 -3.92 -5.83 -6.16
N TYR A 251 -3.60 -5.02 -7.16
CA TYR A 251 -2.43 -4.16 -7.21
C TYR A 251 -2.87 -2.76 -6.86
N ILE A 252 -4.19 -2.53 -6.70
CA ILE A 252 -4.80 -1.20 -6.65
C ILE A 252 -6.04 -1.12 -5.71
N ASP A 253 -6.48 0.11 -5.42
CA ASP A 253 -7.67 0.40 -4.62
C ASP A 253 -8.94 -0.01 -5.40
N LEU A 254 -9.63 -1.04 -4.94
CA LEU A 254 -10.80 -1.57 -5.65
C LEU A 254 -12.13 -0.81 -5.43
N LEU A 255 -12.09 0.38 -4.83
CA LEU A 255 -13.30 1.19 -4.65
C LEU A 255 -13.90 1.68 -5.96
N TYR A 256 -13.05 2.00 -6.93
CA TYR A 256 -13.47 2.81 -8.10
C TYR A 256 -14.08 1.98 -9.24
N PRO A 257 -14.80 2.64 -10.18
CA PRO A 257 -15.36 1.92 -11.32
C PRO A 257 -14.35 1.36 -12.31
N THR A 258 -14.85 0.63 -13.30
CA THR A 258 -14.01 -0.20 -14.16
C THR A 258 -13.09 0.58 -15.11
N GLU A 259 -13.56 1.73 -15.60
CA GLU A 259 -12.73 2.68 -16.40
C GLU A 259 -11.55 3.25 -15.59
N ASP A 260 -11.86 3.82 -14.43
CA ASP A 260 -10.87 4.44 -13.56
C ASP A 260 -9.75 3.46 -13.20
N ARG A 261 -10.15 2.26 -12.75
CA ARG A 261 -9.22 1.17 -12.42
C ARG A 261 -8.25 0.87 -13.56
N ASN A 262 -8.78 0.86 -14.78
CA ASN A 262 -8.02 0.39 -15.92
C ASN A 262 -7.05 1.44 -16.50
N ASP A 263 -7.40 2.73 -16.41
CA ASP A 263 -6.48 3.82 -16.73
C ASP A 263 -5.22 3.69 -15.89
N ARG A 264 -5.42 3.49 -14.59
CA ARG A 264 -4.31 3.31 -13.66
C ARG A 264 -3.45 2.08 -13.96
N LEU A 265 -4.08 0.94 -14.25
CA LEU A 265 -3.35 -0.31 -14.52
C LEU A 265 -2.52 -0.21 -15.79
N ARG A 266 -3.13 0.25 -16.87
CA ARG A 266 -2.40 0.52 -18.12
C ARG A 266 -1.22 1.48 -17.92
N ASP A 267 -1.43 2.55 -17.15
CA ASP A 267 -0.41 3.57 -16.95
C ASP A 267 0.81 3.09 -16.14
N SER A 268 0.55 2.44 -15.01
CA SER A 268 1.61 1.95 -14.13
C SER A 268 2.15 0.57 -14.50
N TYR A 269 1.30 -0.32 -15.03
CA TYR A 269 1.65 -1.74 -15.28
C TYR A 269 1.51 -2.28 -16.74
N PHE A 270 1.04 -1.43 -17.66
CA PHE A 270 0.98 -1.77 -19.09
C PHE A 270 0.15 -3.03 -19.43
N PHE A 271 -1.03 -3.14 -18.84
CA PHE A 271 -1.95 -4.24 -19.20
C PHE A 271 -3.42 -3.89 -18.93
N THR A 272 -4.30 -4.66 -19.58
CA THR A 272 -5.75 -4.53 -19.44
C THR A 272 -6.28 -5.79 -18.73
N CYS A 273 -6.95 -5.59 -17.59
CA CYS A 273 -7.54 -6.68 -16.83
C CYS A 273 -8.83 -7.23 -17.47
N GLU A 274 -8.97 -8.56 -17.53
CA GLU A 274 -10.13 -9.24 -18.15
C GLU A 274 -10.93 -10.13 -17.16
N CYS A 275 -10.84 -9.81 -15.86
CA CYS A 275 -11.51 -10.56 -14.77
C CYS A 275 -13.04 -10.40 -14.82
N GLN A 276 -13.77 -11.04 -13.90
CA GLN A 276 -15.24 -11.05 -14.01
C GLN A 276 -15.86 -9.68 -13.71
N GLU A 277 -15.35 -8.98 -12.70
CA GLU A 277 -15.82 -7.61 -12.38
CA GLU A 277 -15.84 -7.62 -12.38
C GLU A 277 -15.56 -6.62 -13.51
N CYS A 278 -14.45 -6.78 -14.21
CA CYS A 278 -14.14 -5.90 -15.35
C CYS A 278 -14.95 -6.30 -16.62
N THR A 279 -15.26 -7.59 -16.76
CA THR A 279 -16.13 -8.10 -17.86
C THR A 279 -17.59 -7.73 -17.63
N THR A 280 -18.19 -8.21 -16.55
CA THR A 280 -19.60 -7.95 -16.24
C THR A 280 -19.87 -6.50 -15.81
N LYS A 281 -18.93 -5.89 -15.09
CA LYS A 281 -19.11 -4.53 -14.54
C LYS A 281 -20.35 -4.38 -13.65
N ASP A 282 -20.67 -5.42 -12.89
CA ASP A 282 -21.85 -5.44 -12.04
C ASP A 282 -21.92 -4.30 -11.04
N LYS A 283 -20.78 -3.98 -10.42
CA LYS A 283 -20.75 -2.98 -9.37
C LYS A 283 -20.68 -1.52 -9.85
N ASP A 284 -20.36 -1.28 -11.13
CA ASP A 284 -20.22 0.09 -11.64
C ASP A 284 -21.42 1.00 -11.38
N LYS A 285 -22.63 0.48 -11.60
CA LYS A 285 -23.86 1.28 -11.45
C LYS A 285 -24.08 1.84 -10.05
N ALA A 286 -23.79 1.03 -9.02
CA ALA A 286 -23.94 1.46 -7.62
C ALA A 286 -22.80 2.36 -7.13
N LYS A 287 -21.62 2.23 -7.72
CA LYS A 287 -20.50 3.13 -7.42
C LYS A 287 -20.74 4.53 -7.97
N VAL A 288 -21.56 4.66 -9.01
CA VAL A 288 -21.97 5.95 -9.59
C VAL A 288 -23.50 6.12 -9.41
N GLU A 289 -23.93 6.00 -8.16
CA GLU A 289 -25.35 6.04 -7.79
C GLU A 289 -25.89 7.47 -7.96
N ILE A 290 -26.97 7.59 -8.72
CA ILE A 290 -27.59 8.88 -9.07
C ILE A 290 -28.74 9.21 -8.11
N ARG A 291 -28.85 10.48 -7.74
CA ARG A 291 -29.93 10.96 -6.89
C ARG A 291 -31.28 10.68 -7.58
N LYS A 292 -32.29 10.29 -6.82
CA LYS A 292 -33.63 10.03 -7.38
C LYS A 292 -34.60 11.16 -7.04
N LEU A 293 -34.46 12.26 -7.77
CA LEU A 293 -35.31 13.45 -7.57
C LEU A 293 -36.66 13.29 -8.28
N SER A 294 -37.57 14.24 -8.05
CA SER A 294 -38.90 14.26 -8.70
C SER A 294 -38.75 14.28 -10.22
N ASP A 295 -37.89 15.18 -10.69
CA ASP A 295 -37.48 15.28 -12.08
C ASP A 295 -36.07 14.69 -12.19
N PRO A 296 -35.95 13.34 -12.32
CA PRO A 296 -34.63 12.70 -12.17
C PRO A 296 -33.58 13.17 -13.20
N PRO A 297 -32.32 13.41 -12.74
CA PRO A 297 -31.18 13.88 -13.57
C PRO A 297 -30.97 13.19 -14.94
N LYS A 298 -30.78 14.01 -15.98
CA LYS A 298 -30.64 13.54 -17.38
C LYS A 298 -29.21 13.04 -17.67
N ALA A 299 -29.02 12.40 -18.82
CA ALA A 299 -27.76 11.67 -19.11
C ALA A 299 -26.50 12.53 -19.27
N GLU A 300 -26.63 13.69 -19.93
CA GLU A 300 -25.49 14.61 -20.09
C GLU A 300 -25.11 15.32 -18.77
N ALA A 301 -26.10 15.60 -17.93
CA ALA A 301 -25.87 16.20 -16.61
C ALA A 301 -25.08 15.31 -15.64
N ILE A 302 -25.00 14.01 -15.94
CA ILE A 302 -24.17 13.03 -15.22
C ILE A 302 -22.70 13.04 -15.73
N ARG A 303 -22.52 13.13 -17.05
CA ARG A 303 -21.16 13.21 -17.65
C ARG A 303 -20.43 14.50 -17.20
N ASP A 304 -21.20 15.56 -16.99
CA ASP A 304 -20.72 16.85 -16.43
C ASP A 304 -20.14 16.71 -15.02
N MET A 305 -20.97 16.21 -14.11
CA MET A 305 -20.61 16.12 -12.71
C MET A 305 -19.50 15.11 -12.50
N VAL A 306 -19.41 14.09 -13.36
CA VAL A 306 -18.33 13.08 -13.30
C VAL A 306 -16.96 13.66 -13.65
N ARG A 307 -16.89 14.44 -14.74
CA ARG A 307 -15.62 15.05 -15.17
C ARG A 307 -15.19 16.21 -14.28
N TYR A 308 -16.15 16.97 -13.77
CA TYR A 308 -15.91 17.90 -12.66
C TYR A 308 -15.28 17.18 -11.45
N ALA A 309 -15.83 16.02 -11.10
CA ALA A 309 -15.39 15.23 -9.93
C ALA A 309 -13.98 14.64 -10.11
N ARG A 310 -13.69 14.10 -11.28
CA ARG A 310 -12.33 13.61 -11.59
C ARG A 310 -11.28 14.71 -11.45
N ASN A 311 -11.65 15.93 -11.82
CA ASN A 311 -10.72 17.06 -11.79
C ASN A 311 -10.58 17.69 -10.41
N VAL A 312 -11.67 17.77 -9.64
CA VAL A 312 -11.58 18.32 -8.28
C VAL A 312 -10.79 17.39 -7.33
N ILE A 313 -10.64 16.12 -7.70
CA ILE A 313 -9.72 15.19 -7.03
C ILE A 313 -8.25 15.51 -7.34
N GLU A 314 -7.94 15.85 -8.59
CA GLU A 314 -6.58 16.19 -9.01
C GLU A 314 -6.14 17.57 -8.47
N GLU A 315 -7.06 18.54 -8.47
CA GLU A 315 -6.84 19.85 -7.83
C GLU A 315 -6.46 19.65 -6.36
N PHE A 316 -7.25 18.84 -5.65
CA PHE A 316 -7.01 18.59 -4.23
C PHE A 316 -5.71 17.83 -3.97
N ARG A 317 -5.38 16.89 -4.86
CA ARG A 317 -4.12 16.15 -4.78
C ARG A 317 -2.90 17.08 -4.79
N ARG A 318 -2.90 18.03 -5.73
CA ARG A 318 -1.82 19.02 -5.86
C ARG A 318 -1.89 20.12 -4.80
N ALA A 319 -3.09 20.44 -4.34
CA ALA A 319 -3.29 21.42 -3.26
C ALA A 319 -2.77 21.01 -1.87
N LYS A 320 -2.55 19.71 -1.63
CA LYS A 320 -2.02 19.23 -0.34
C LYS A 320 -0.63 19.77 0.04
N HIS A 321 0.21 20.04 -0.96
CA HIS A 321 1.56 20.60 -0.75
C HIS A 321 1.52 22.12 -0.51
N TYR A 322 0.59 22.80 -1.17
CA TYR A 322 0.40 24.25 -1.04
C TYR A 322 -0.32 24.65 0.25
N LYS A 323 -1.60 24.30 0.34
CA LYS A 323 -2.63 25.12 1.02
C LYS A 323 -2.82 24.89 2.52
N SER A 324 -3.60 25.78 3.13
CA SER A 324 -3.99 25.69 4.54
C SER A 324 -4.88 24.48 4.81
N PRO A 325 -4.91 23.99 6.07
CA PRO A 325 -5.93 22.99 6.42
C PRO A 325 -7.36 23.52 6.27
N SER A 326 -7.60 24.75 6.75
CA SER A 326 -8.91 25.38 6.67
C SER A 326 -9.41 25.58 5.23
N GLU A 327 -8.48 25.91 4.33
CA GLU A 327 -8.83 26.09 2.91
C GLU A 327 -9.11 24.76 2.20
N LEU A 328 -8.41 23.69 2.58
CA LEU A 328 -8.67 22.33 2.06
C LEU A 328 -10.03 21.78 2.50
N LEU A 329 -10.38 22.00 3.76
CA LEU A 329 -11.67 21.58 4.30
C LEU A 329 -12.85 22.32 3.65
N GLU A 330 -12.59 23.54 3.19
CA GLU A 330 -13.58 24.30 2.41
C GLU A 330 -13.69 23.73 0.98
N ILE A 331 -12.57 23.35 0.38
CA ILE A 331 -12.56 22.73 -0.96
C ILE A 331 -13.38 21.44 -0.99
N CYS A 332 -13.32 20.65 0.09
CA CYS A 332 -14.12 19.43 0.21
C CYS A 332 -15.60 19.74 0.40
N GLU A 333 -15.90 20.61 1.36
CA GLU A 333 -17.30 20.97 1.70
C GLU A 333 -18.08 21.43 0.48
N LEU A 334 -17.48 22.36 -0.27
CA LEU A 334 -18.11 22.93 -1.44
C LEU A 334 -18.19 21.92 -2.60
N SER A 335 -17.17 21.09 -2.77
CA SER A 335 -17.19 20.08 -3.84
C SER A 335 -18.27 19.03 -3.60
N GLN A 336 -18.46 18.66 -2.34
CA GLN A 336 -19.61 17.83 -1.95
C GLN A 336 -20.94 18.56 -2.19
N GLU A 337 -21.01 19.82 -1.75
CA GLU A 337 -22.22 20.65 -1.86
C GLU A 337 -22.74 20.75 -3.30
N LYS A 338 -21.83 20.80 -4.27
CA LYS A 338 -22.20 20.77 -5.69
C LYS A 338 -22.68 19.38 -6.11
N MET A 339 -21.87 18.37 -5.84
CA MET A 339 -22.15 16.99 -6.28
C MET A 339 -23.47 16.40 -5.74
N SER A 340 -23.91 16.84 -4.57
CA SER A 340 -25.12 16.31 -3.93
C SER A 340 -26.47 16.58 -4.64
N SER A 341 -26.50 17.53 -5.58
CA SER A 341 -27.70 17.73 -6.41
C SER A 341 -27.96 16.53 -7.32
N VAL A 342 -26.90 16.02 -7.95
CA VAL A 342 -26.95 14.91 -8.89
C VAL A 342 -26.61 13.56 -8.25
N PHE A 343 -25.54 13.50 -7.43
CA PHE A 343 -25.08 12.25 -6.84
C PHE A 343 -25.63 11.94 -5.45
N GLU A 344 -25.87 10.65 -5.21
CA GLU A 344 -26.25 10.13 -3.89
C GLU A 344 -25.01 10.09 -2.98
N ASP A 345 -25.23 9.90 -1.68
CA ASP A 345 -24.14 9.91 -0.70
C ASP A 345 -23.24 8.65 -0.71
N SER A 346 -23.67 7.59 -1.38
CA SER A 346 -22.84 6.38 -1.58
C SER A 346 -22.03 6.39 -2.88
N ASN A 347 -22.18 7.43 -3.69
CA ASN A 347 -21.40 7.59 -4.91
C ASN A 347 -19.94 7.68 -4.52
N VAL A 348 -19.07 6.90 -5.17
CA VAL A 348 -17.65 6.86 -4.75
C VAL A 348 -16.91 8.20 -4.87
N TYR A 349 -17.31 9.06 -5.79
CA TYR A 349 -16.68 10.38 -5.95
C TYR A 349 -17.05 11.30 -4.77
N MET A 350 -18.27 11.16 -4.25
CA MET A 350 -18.64 11.75 -2.97
C MET A 350 -17.81 11.17 -1.82
N LEU A 351 -17.71 9.83 -1.77
CA LEU A 351 -16.97 9.14 -0.72
C LEU A 351 -15.49 9.52 -0.74
N HIS A 352 -14.94 9.79 -1.91
CA HIS A 352 -13.55 10.24 -2.03
C HIS A 352 -13.31 11.54 -1.24
N MET A 353 -14.13 12.55 -1.49
CA MET A 353 -13.92 13.85 -0.86
C MET A 353 -14.25 13.81 0.63
N MET A 354 -15.22 12.98 1.03
CA MET A 354 -15.52 12.75 2.45
C MET A 354 -14.31 12.15 3.19
N TYR A 355 -13.55 11.28 2.52
CA TYR A 355 -12.37 10.68 3.15
C TYR A 355 -11.31 11.74 3.36
N GLN A 356 -11.03 12.53 2.31
CA GLN A 356 -10.04 13.60 2.41
C GLN A 356 -10.38 14.62 3.49
N ALA A 357 -11.68 14.92 3.65
CA ALA A 357 -12.13 15.85 4.70
C ALA A 357 -11.94 15.29 6.11
N MET A 358 -12.16 13.98 6.26
CA MET A 358 -11.85 13.30 7.53
C MET A 358 -10.35 13.42 7.88
N GLY A 359 -9.49 13.30 6.87
CA GLY A 359 -8.06 13.55 7.04
C GLY A 359 -7.70 14.94 7.55
N VAL A 360 -8.39 15.95 7.02
CA VAL A 360 -8.11 17.33 7.38
C VAL A 360 -8.61 17.62 8.79
N CYS A 361 -9.82 17.16 9.12
CA CYS A 361 -10.36 17.33 10.47
C CYS A 361 -9.50 16.66 11.54
N LEU A 362 -8.91 15.50 11.23
CA LEU A 362 -8.04 14.81 12.20
C LEU A 362 -6.74 15.55 12.53
N TYR A 363 -6.07 16.15 11.54
CA TYR A 363 -4.86 16.98 11.79
C TYR A 363 -5.18 18.21 12.63
N MET A 364 -6.37 18.78 12.42
CA MET A 364 -6.90 19.90 13.22
C MET A 364 -7.43 19.50 14.62
N GLN A 365 -7.44 18.19 14.92
CA GLN A 365 -7.94 17.62 16.19
C GLN A 365 -9.44 17.84 16.45
N ASP A 366 -10.19 18.19 15.40
CA ASP A 366 -11.65 18.27 15.44
C ASP A 366 -12.18 16.83 15.34
N TRP A 367 -12.19 16.16 16.49
CA TRP A 367 -12.53 14.74 16.57
C TRP A 367 -14.03 14.46 16.37
N GLU A 368 -14.90 15.37 16.80
CA GLU A 368 -16.34 15.26 16.55
C GLU A 368 -16.65 15.52 15.08
N GLY A 369 -15.96 16.49 14.49
CA GLY A 369 -16.10 16.79 13.06
C GLY A 369 -15.65 15.66 12.16
N ALA A 370 -14.55 15.00 12.52
CA ALA A 370 -14.05 13.86 11.77
C ALA A 370 -14.90 12.60 11.93
N LEU A 371 -15.68 12.52 13.02
CA LEU A 371 -16.50 11.35 13.33
C LEU A 371 -17.72 11.20 12.42
N GLN A 372 -18.44 12.29 12.18
CA GLN A 372 -19.62 12.19 11.31
C GLN A 372 -19.27 12.10 9.81
N TYR A 373 -18.01 12.29 9.44
CA TYR A 373 -17.55 11.89 8.09
C TYR A 373 -17.43 10.35 7.97
N GLY A 374 -16.75 9.75 8.96
CA GLY A 374 -16.56 8.31 9.01
C GLY A 374 -17.84 7.54 9.23
N GLN A 375 -18.82 8.20 9.85
CA GLN A 375 -20.15 7.60 9.98
C GLN A 375 -20.85 7.46 8.62
N LYS A 376 -20.79 8.52 7.80
CA LYS A 376 -21.32 8.45 6.45
C LYS A 376 -20.52 7.56 5.52
N ILE A 377 -19.25 7.27 5.83
CA ILE A 377 -18.38 6.47 4.94
C ILE A 377 -18.63 4.96 5.04
N ILE A 378 -18.79 4.46 6.26
CA ILE A 378 -18.61 3.02 6.53
C ILE A 378 -19.57 2.05 5.83
N LYS A 379 -20.87 2.34 5.80
CA LYS A 379 -21.82 1.38 5.23
C LYS A 379 -21.65 1.23 3.71
N PRO A 380 -21.53 2.36 2.97
CA PRO A 380 -21.16 2.29 1.55
C PRO A 380 -19.84 1.58 1.24
N TYR A 381 -18.80 1.85 2.04
CA TYR A 381 -17.50 1.14 1.94
C TYR A 381 -17.68 -0.38 2.03
N SER A 382 -18.54 -0.84 2.94
CA SER A 382 -18.83 -2.28 3.07
C SER A 382 -19.55 -2.89 1.88
N LYS A 383 -20.31 -2.07 1.16
CA LYS A 383 -21.04 -2.51 -0.04
C LYS A 383 -20.09 -2.55 -1.25
N HIS A 384 -19.29 -1.50 -1.45
CA HIS A 384 -18.43 -1.37 -2.66
C HIS A 384 -17.21 -2.30 -2.65
N TYR A 385 -16.52 -2.40 -1.51
CA TYR A 385 -15.34 -3.27 -1.37
C TYR A 385 -15.71 -4.77 -1.31
N PRO A 386 -14.72 -5.66 -1.51
CA PRO A 386 -14.97 -7.08 -1.22
C PRO A 386 -14.94 -7.43 0.28
N LEU A 387 -15.33 -8.67 0.59
CA LEU A 387 -15.17 -9.25 1.94
C LEU A 387 -13.70 -9.24 2.37
N TYR A 388 -13.49 -8.98 3.65
CA TYR A 388 -12.16 -9.02 4.27
C TYR A 388 -11.20 -7.96 3.68
N SER A 389 -11.73 -6.77 3.41
CA SER A 389 -10.94 -5.67 2.86
C SER A 389 -10.27 -4.86 3.99
N LEU A 390 -8.96 -4.62 3.85
CA LEU A 390 -8.20 -3.83 4.84
C LEU A 390 -8.61 -2.35 4.92
N ASN A 391 -9.12 -1.82 3.80
CA ASN A 391 -9.69 -0.48 3.75
C ASN A 391 -10.90 -0.33 4.68
N VAL A 392 -11.80 -1.31 4.61
CA VAL A 392 -12.98 -1.37 5.47
C VAL A 392 -12.53 -1.57 6.92
N ALA A 393 -11.53 -2.43 7.16
CA ALA A 393 -11.05 -2.71 8.50
C ALA A 393 -10.45 -1.46 9.17
N SER A 394 -9.63 -0.68 8.47
CA SER A 394 -9.04 0.54 9.07
C SER A 394 -10.06 1.66 9.37
N MET A 395 -11.14 1.73 8.58
CA MET A 395 -12.20 2.72 8.83
C MET A 395 -13.00 2.40 10.10
N TRP A 396 -13.28 1.12 10.32
CA TRP A 396 -13.85 0.66 11.59
C TRP A 396 -12.94 1.06 12.76
N LEU A 397 -11.64 0.81 12.56
CA LEU A 397 -10.59 1.11 13.53
C LEU A 397 -10.56 2.58 13.93
N LYS A 398 -10.67 3.46 12.92
CA LYS A 398 -10.79 4.89 13.15
C LYS A 398 -12.03 5.24 13.95
N LEU A 399 -13.18 4.66 13.57
CA LEU A 399 -14.44 4.90 14.29
C LEU A 399 -14.34 4.46 15.76
N GLY A 400 -13.81 3.25 15.98
CA GLY A 400 -13.54 2.75 17.32
C GLY A 400 -12.75 3.73 18.17
N ARG A 401 -11.63 4.22 17.63
CA ARG A 401 -10.77 5.15 18.38
C ARG A 401 -11.42 6.53 18.61
N LEU A 402 -12.13 7.06 17.62
CA LEU A 402 -12.81 8.36 17.75
C LEU A 402 -13.91 8.34 18.80
N TYR A 403 -14.76 7.30 18.73
CA TYR A 403 -15.80 7.06 19.75
C TYR A 403 -15.25 7.05 21.19
N MET A 404 -14.13 6.36 21.39
CA MET A 404 -13.50 6.22 22.72
C MET A 404 -12.81 7.51 23.17
N GLY A 405 -12.37 8.33 22.21
CA GLY A 405 -11.82 9.66 22.48
C GLY A 405 -12.83 10.64 23.05
N LEU A 406 -14.11 10.42 22.71
CA LEU A 406 -15.22 11.25 23.17
C LEU A 406 -16.03 10.64 24.32
N GLU A 407 -15.53 9.54 24.90
CA GLU A 407 -16.16 8.80 26.00
C GLU A 407 -17.56 8.27 25.66
N HIS A 408 -17.62 7.44 24.60
CA HIS A 408 -18.83 6.70 24.22
C HIS A 408 -18.44 5.25 23.99
N LYS A 409 -18.29 4.53 25.11
CA LYS A 409 -17.68 3.19 25.16
C LYS A 409 -18.34 2.14 24.27
N ALA A 410 -19.67 2.09 24.26
CA ALA A 410 -20.40 0.97 23.64
C ALA A 410 -20.23 0.93 22.12
N ALA A 411 -20.39 2.08 21.47
CA ALA A 411 -20.26 2.20 20.03
C ALA A 411 -18.79 2.05 19.56
N GLY A 412 -17.85 2.46 20.43
CA GLY A 412 -16.42 2.25 20.20
C GLY A 412 -16.02 0.78 20.25
N GLU A 413 -16.51 0.05 21.24
CA GLU A 413 -16.23 -1.39 21.37
C GLU A 413 -16.78 -2.20 20.19
N LYS A 414 -17.99 -1.87 19.74
CA LYS A 414 -18.60 -2.52 18.55
C LYS A 414 -17.71 -2.40 17.33
N ALA A 415 -17.30 -1.16 17.03
CA ALA A 415 -16.47 -0.84 15.88
C ALA A 415 -15.08 -1.49 15.93
N LEU A 416 -14.53 -1.62 17.13
CA LEU A 416 -13.24 -2.29 17.31
C LEU A 416 -13.33 -3.80 17.07
N LYS A 417 -14.42 -4.43 17.53
CA LYS A 417 -14.65 -5.86 17.27
C LYS A 417 -14.93 -6.15 15.80
N LYS A 418 -15.59 -5.21 15.10
CA LYS A 418 -15.79 -5.28 13.65
C LYS A 418 -14.47 -5.34 12.91
N ALA A 419 -13.54 -4.49 13.33
CA ALA A 419 -12.20 -4.48 12.78
C ALA A 419 -11.46 -5.77 13.08
N ILE A 420 -11.52 -6.27 14.32
CA ILE A 420 -10.82 -7.51 14.67
C ILE A 420 -11.36 -8.70 13.87
N ALA A 421 -12.67 -8.79 13.70
CA ALA A 421 -13.29 -9.84 12.87
C ALA A 421 -12.61 -10.00 11.50
N ILE A 422 -12.31 -8.87 10.85
CA ILE A 422 -11.68 -8.84 9.51
C ILE A 422 -10.20 -9.19 9.58
N MET A 423 -9.51 -8.62 10.57
CA MET A 423 -8.06 -8.79 10.71
C MET A 423 -7.67 -10.24 10.98
N GLU A 424 -8.50 -10.97 11.73
CA GLU A 424 -8.32 -12.41 11.95
C GLU A 424 -8.12 -13.21 10.67
N VAL A 425 -8.91 -12.90 9.65
CA VAL A 425 -8.81 -13.56 8.35
C VAL A 425 -7.52 -13.13 7.63
N ALA A 426 -7.17 -11.84 7.66
CA ALA A 426 -6.12 -11.30 6.78
C ALA A 426 -4.70 -11.30 7.37
N HIS A 427 -4.59 -10.88 8.63
CA HIS A 427 -3.31 -10.85 9.37
C HIS A 427 -3.05 -12.10 10.23
N GLY A 428 -4.03 -13.03 10.27
CA GLY A 428 -3.98 -14.20 11.12
C GLY A 428 -4.37 -13.89 12.55
N LYS A 429 -4.73 -14.92 13.32
CA LYS A 429 -5.09 -14.74 14.74
C LYS A 429 -3.92 -14.31 15.65
N ASP A 430 -2.68 -14.51 15.18
CA ASP A 430 -1.47 -14.30 15.98
C ASP A 430 -1.04 -12.83 16.14
N HIS A 431 -1.62 -11.91 15.36
CA HIS A 431 -0.92 -10.67 15.01
C HIS A 431 -0.77 -9.67 16.17
N PRO A 432 0.39 -8.98 16.26
CA PRO A 432 0.62 -7.89 17.23
C PRO A 432 -0.46 -6.78 17.28
N TYR A 433 -1.02 -6.44 16.11
CA TYR A 433 -2.14 -5.49 16.01
C TYR A 433 -3.39 -5.95 16.79
N ILE A 434 -3.68 -7.25 16.75
CA ILE A 434 -4.87 -7.80 17.42
C ILE A 434 -4.77 -7.63 18.95
N SER A 435 -3.56 -7.77 19.50
CA SER A 435 -3.30 -7.50 20.91
C SER A 435 -3.45 -6.01 21.21
N GLU A 436 -2.78 -5.18 20.42
CA GLU A 436 -2.79 -3.71 20.60
C GLU A 436 -4.19 -3.10 20.65
N ILE A 437 -5.11 -3.66 19.85
CA ILE A 437 -6.51 -3.22 19.84
C ILE A 437 -7.27 -3.78 21.06
N LYS A 438 -6.98 -5.02 21.43
CA LYS A 438 -7.62 -5.61 22.61
C LYS A 438 -7.23 -4.95 23.96
N GLN A 439 -6.11 -4.22 23.97
CA GLN A 439 -5.72 -3.38 25.11
C GLN A 439 -6.44 -2.02 25.12
N GLU A 440 -6.85 -1.54 23.94
CA GLU A 440 -7.74 -0.38 23.86
C GLU A 440 -9.14 -0.73 24.41
N ILE A 441 -9.64 -1.91 24.05
CA ILE A 441 -10.88 -2.47 24.65
C ILE A 441 -10.80 -2.49 26.17
N GLU A 442 -9.78 -3.20 26.69
CA GLU A 442 -9.65 -3.44 28.14
C GLU A 442 -9.29 -2.19 28.96
N SER A 443 -9.14 -1.04 28.30
CA SER A 443 -9.17 0.25 28.99
C SER A 443 -9.69 1.36 28.08
N SAM B . 4.02 -11.94 -14.64
CA SAM B . 5.00 -11.04 -14.07
C SAM B . 6.37 -11.50 -14.49
O SAM B . 7.10 -10.69 -15.10
OXT SAM B . 6.72 -12.66 -14.21
CB SAM B . 4.91 -10.98 -12.54
CG SAM B . 3.91 -9.92 -12.07
SD SAM B . 4.56 -8.40 -12.20
CE SAM B . 4.75 -7.78 -10.67
C5' SAM B . 3.53 -7.37 -13.02
C4' SAM B . 3.35 -7.67 -14.51
O4' SAM B . 2.63 -8.88 -14.76
C3' SAM B . 2.56 -6.59 -15.19
O3' SAM B . 3.40 -5.53 -15.65
C2' SAM B . 1.86 -7.32 -16.32
O2' SAM B . 2.69 -7.37 -17.49
C1' SAM B . 1.67 -8.72 -15.80
N9 SAM B . 0.28 -8.96 -15.30
C8 SAM B . -0.11 -9.04 -14.02
N7 SAM B . -1.45 -9.27 -13.93
C5 SAM B . -1.93 -9.35 -15.17
C6 SAM B . -3.25 -9.60 -15.79
N6 SAM B . -4.36 -9.79 -15.03
N1 SAM B . -3.34 -9.61 -17.14
C2 SAM B . -2.24 -9.41 -17.92
N3 SAM B . -1.00 -9.19 -17.42
C4 SAM B . -0.79 -9.16 -16.08
ZN ZN C . -10.42 -6.66 -13.30
ZN ZN D . 14.62 -2.94 16.11
ZN ZN E . 24.38 7.10 11.35
C2 8WG F . -5.09 -2.60 8.92
C3 8WG F . -3.82 -2.94 9.38
C4 8WG F . -2.69 -2.67 8.61
C5 8WG F . -2.82 -2.06 7.37
C6 8WG F . -1.57 -1.76 6.56
C8 8WG F . -1.77 -1.56 4.08
CL1 8WG F . -6.49 -2.95 9.89
N7 8WG F . -1.53 -2.27 5.19
C9 8WG F . -1.59 -2.35 3.01
C10 8WG F . -1.77 -1.90 1.57
N11 8WG F . -0.49 -1.60 0.90
C12 8WG F . -0.68 -1.19 -0.50
C13 8WG F . 0.64 -1.89 -0.82
C14 8WG F . 0.27 -2.75 0.40
N15 8WG F . 0.67 -2.67 -2.07
C16 8WG F . 1.58 -2.47 -3.06
O17 8WG F . 2.44 -1.61 -2.97
C18 8WG F . 1.56 -3.32 -4.26
C19 8WG F . 2.65 -3.50 -5.05
N20 8WG F . 2.29 -4.33 -6.03
N21 8WG F . 0.95 -4.67 -5.82
N22 8WG F . 0.55 -4.05 -4.76
C23 8WG F . 3.21 -4.77 -7.08
C24 8WG F . 2.88 -6.12 -7.73
C25 8WG F . 2.69 -4.82 -8.51
C26 8WG F . -1.22 -3.61 3.48
N27 8WG F . -1.18 -3.57 4.79
C28 8WG F . -4.08 -1.71 6.91
C29 8WG F . -5.21 -1.99 7.67
C2 8WG G . 9.09 2.44 -4.73
C3 8WG G . 8.98 2.75 -6.07
C4 8WG G . 7.84 2.38 -6.78
C5 8WG G . 6.83 1.69 -6.15
C6 8WG G . 5.59 1.29 -6.92
C8 8WG G . 3.45 0.87 -5.68
CL1 8WG G . 10.51 2.89 -3.84
N7 8WG G . 4.38 1.69 -6.20
C9 8WG G . 2.49 1.63 -5.10
C10 8WG G . 1.27 1.10 -4.39
N11 8WG G . 0.11 1.98 -4.56
C12 8WG G . -0.42 2.05 -5.94
C13 8WG G . -1.82 1.72 -5.41
C14 8WG G . -1.13 1.32 -4.10
N15 8WG G . -2.71 2.89 -5.25
C16 8WG G . -3.92 2.96 -5.85
O17 8WG G . -4.32 2.06 -6.57
C18 8WG G . -4.81 4.13 -5.69
C19 8WG G . -4.59 5.25 -4.96
N20 8WG G . -5.68 6.04 -5.10
N21 8WG G . -6.57 5.36 -5.94
N22 8WG G . -6.02 4.24 -6.27
C23 8WG G . -5.88 7.36 -4.49
C24 8WG G . -6.98 8.23 -5.09
C25 8WG G . -7.18 7.58 -3.72
C26 8WG G . 2.85 2.97 -5.26
N27 8WG G . 3.98 3.02 -5.92
C28 8WG G . 6.94 1.37 -4.81
C29 8WG G . 8.07 1.74 -4.09
C1 PEG H . -2.24 -7.67 -2.22
O1 PEG H . -1.55 -6.93 -3.26
C2 PEG H . -3.73 -7.35 -2.04
O2 PEG H . -4.71 -8.16 -2.72
C3 PEG H . -6.03 -8.07 -2.12
C4 PEG H . -6.83 -6.81 -2.48
O4 PEG H . -7.91 -6.59 -1.56
C1 PEG I . -7.13 -4.19 1.11
O1 PEG I . -8.24 -4.88 0.51
C2 PEG I . -6.11 -3.73 0.10
O2 PEG I . -4.79 -3.85 0.65
C3 PEG I . -4.13 -4.96 0.03
C4 PEG I . -2.70 -5.24 0.49
O4 PEG I . -2.66 -6.51 1.11
C1 EDO J . 17.91 -7.89 3.63
O1 EDO J . 18.15 -8.81 2.56
C2 EDO J . 19.24 -7.28 4.11
O2 EDO J . 19.00 -6.31 5.16
C1 GOL K . 5.69 8.13 -0.76
O1 GOL K . 4.37 7.84 -1.20
C2 GOL K . 6.71 7.80 -1.86
O2 GOL K . 7.93 8.50 -1.57
C3 GOL K . 6.96 6.29 -1.95
O3 GOL K . 6.99 5.84 -3.32
C1 GOL L . -2.98 -3.69 -3.29
O1 GOL L . -2.02 -3.68 -2.25
C2 GOL L . -4.13 -2.67 -3.19
O2 GOL L . -5.34 -3.34 -2.78
C3 GOL L . -3.84 -1.48 -2.29
O3 GOL L . -4.84 -0.44 -2.46
#